data_4E4R
#
_entry.id   4E4R
#
_cell.length_a   54.595
_cell.length_b   54.595
_cell.length_c   202.895
_cell.angle_alpha   90.000
_cell.angle_beta   90.000
_cell.angle_gamma   90.000
#
_symmetry.space_group_name_H-M   'P 41 21 2'
#
loop_
_entity.id
_entity.type
_entity.pdbx_description
1 polymer 'Phosphate acetyltransferase'
2 non-polymer 2-AMINO-2-HYDROXYMETHYL-PROPANE-1,3-DIOL
3 non-polymer 1,2-ETHANEDIOL
4 non-polymer 'CHLORIDE ION'
5 water water
#
_entity_poly.entity_id   1
_entity_poly.type   'polypeptide(L)'
_entity_poly.pdbx_seq_one_letter_code
;SNA(MSE)ADLLNVLKDKLSGKNVKIVLPEGEDERVLTAATQLQATDYVTPIVLGDETKVQSLAQKLNLDISNIELINPA
TSELKAELVQSFVERRKGKTTEEQAQELLNNVNYFGT(MSE)LVYAGKADGLVSGAAHSTGDTVRPALQIIKTKPGVSRT
SGIFF(MSE)IKGDEQYIFGDCAINPELDSQGLAEIAVESAKSALSFG(MSE)DPKVA(MSE)LSFSTKGSAKSDDVTKV
QEAVKLAQQKAEEEKLEAIIDGEFQFDAAIVPGVAEKKAPGAKLQGDANVFVFPSLEAGNIGYKIAQRLGGYDAVGPVLQ
GLNSPVNDLSRGCSIEDVYNLSFITAAQALQ
;
_entity_poly.pdbx_strand_id   A
#
loop_
_chem_comp.id
_chem_comp.type
_chem_comp.name
_chem_comp.formula
CL non-polymer 'CHLORIDE ION' 'Cl -1'
EDO non-polymer 1,2-ETHANEDIOL 'C2 H6 O2'
TRS non-polymer 2-AMINO-2-HYDROXYMETHYL-PROPANE-1,3-DIOL 'C4 H12 N O3 1'
#
# COMPACT_ATOMS: atom_id res chain seq x y z
N SER A 1 -7.05 -12.47 -21.29
CA SER A 1 -6.70 -12.32 -19.83
C SER A 1 -7.35 -11.02 -19.31
N ASN A 2 -7.56 -10.91 -18.00
CA ASN A 2 -8.09 -9.68 -17.41
C ASN A 2 -7.24 -9.46 -16.16
N ALA A 3 -6.14 -8.75 -16.31
CA ALA A 3 -5.11 -8.78 -15.29
C ALA A 3 -5.61 -8.24 -13.94
N MSE A 4 -6.40 -7.17 -13.97
CA MSE A 4 -6.90 -6.54 -12.75
C MSE A 4 -7.89 -7.47 -12.07
O MSE A 4 -7.83 -7.69 -10.87
CB MSE A 4 -7.52 -5.16 -12.99
CG MSE A 4 -7.92 -4.42 -11.69
SE MSE A 4 -6.33 -3.98 -10.60
CE MSE A 4 -6.88 -4.66 -8.97
N ALA A 5 -8.78 -8.10 -12.84
CA ALA A 5 -9.75 -9.03 -12.26
C ALA A 5 -9.04 -10.22 -11.67
N ASP A 6 -7.95 -10.66 -12.31
CA ASP A 6 -7.21 -11.80 -11.86
C ASP A 6 -6.50 -11.50 -10.53
N LEU A 7 -5.95 -10.31 -10.40
CA LEU A 7 -5.37 -9.90 -9.14
C LEU A 7 -6.44 -9.81 -8.06
N LEU A 8 -7.55 -9.18 -8.39
CA LEU A 8 -8.65 -9.16 -7.41
C LEU A 8 -9.11 -10.53 -7.02
N ASN A 9 -9.15 -11.48 -7.93
CA ASN A 9 -9.59 -12.82 -7.56
C ASN A 9 -8.66 -13.48 -6.55
N VAL A 10 -7.35 -13.27 -6.69
CA VAL A 10 -6.40 -13.76 -5.68
C VAL A 10 -6.66 -13.10 -4.31
N LEU A 11 -6.88 -11.78 -4.32
CA LEU A 11 -7.12 -11.08 -3.08
C LEU A 11 -8.45 -11.50 -2.46
N LYS A 12 -9.49 -11.67 -3.28
CA LYS A 12 -10.78 -12.15 -2.79
C LYS A 12 -10.69 -13.50 -2.13
N ASP A 13 -9.88 -14.43 -2.66
CA ASP A 13 -9.79 -15.75 -2.05
CA ASP A 13 -9.77 -15.75 -2.06
C ASP A 13 -9.20 -15.59 -0.65
N LYS A 14 -8.26 -14.67 -0.50
CA LYS A 14 -7.67 -14.43 0.83
C LYS A 14 -8.60 -13.74 1.78
N LEU A 15 -9.43 -12.85 1.25
CA LEU A 15 -10.27 -12.02 2.07
C LEU A 15 -11.64 -12.60 2.43
N SER A 16 -12.09 -13.60 1.66
CA SER A 16 -13.47 -14.13 1.75
C SER A 16 -13.85 -14.47 3.22
N GLY A 17 -14.94 -13.90 3.74
CA GLY A 17 -15.32 -14.13 5.16
C GLY A 17 -14.46 -13.54 6.27
N LYS A 18 -13.37 -12.82 5.94
CA LYS A 18 -12.46 -12.34 7.01
C LYS A 18 -12.95 -11.04 7.63
N ASN A 19 -13.97 -10.49 7.00
CA ASN A 19 -14.68 -9.33 7.49
CA ASN A 19 -14.67 -9.27 7.38
C ASN A 19 -13.75 -8.06 7.61
N VAL A 20 -12.79 -7.91 6.71
CA VAL A 20 -11.83 -6.79 6.88
C VAL A 20 -12.51 -5.45 6.66
N LYS A 21 -12.25 -4.51 7.58
CA LYS A 21 -12.86 -3.19 7.54
C LYS A 21 -11.83 -2.18 7.11
N ILE A 22 -12.22 -1.43 6.11
CA ILE A 22 -11.39 -0.35 5.54
C ILE A 22 -12.11 0.96 5.77
N VAL A 23 -11.44 1.90 6.44
CA VAL A 23 -11.98 3.22 6.63
C VAL A 23 -11.79 4.08 5.37
N LEU A 24 -12.86 4.76 4.99
CA LEU A 24 -12.87 5.68 3.88
C LEU A 24 -13.27 7.05 4.48
N PRO A 25 -12.26 7.86 4.84
CA PRO A 25 -12.60 9.13 5.50
C PRO A 25 -13.38 10.13 4.68
N GLU A 26 -13.29 10.02 3.36
CA GLU A 26 -13.80 11.03 2.46
C GLU A 26 -15.20 10.71 1.95
N GLY A 27 -16.13 10.58 2.89
CA GLY A 27 -17.50 10.31 2.49
C GLY A 27 -18.21 11.39 1.69
N GLU A 28 -17.71 12.63 1.72
CA GLU A 28 -18.24 13.66 0.83
C GLU A 28 -17.60 13.71 -0.56
N ASP A 29 -16.75 12.74 -0.86
CA ASP A 29 -16.20 12.62 -2.20
C ASP A 29 -17.00 11.60 -3.01
N GLU A 30 -17.46 12.02 -4.19
CA GLU A 30 -18.34 11.20 -5.06
CA GLU A 30 -18.37 11.17 -4.98
C GLU A 30 -17.75 9.84 -5.41
N ARG A 31 -16.44 9.83 -5.70
CA ARG A 31 -15.80 8.59 -6.07
C ARG A 31 -15.74 7.65 -4.90
N VAL A 32 -15.36 8.19 -3.75
CA VAL A 32 -15.24 7.38 -2.56
C VAL A 32 -16.58 6.82 -2.13
N LEU A 33 -17.59 7.67 -2.09
CA LEU A 33 -18.92 7.23 -1.66
C LEU A 33 -19.48 6.16 -2.58
N THR A 34 -19.26 6.32 -3.88
CA THR A 34 -19.80 5.34 -4.84
C THR A 34 -19.04 4.02 -4.66
N ALA A 35 -17.71 4.10 -4.49
CA ALA A 35 -16.93 2.90 -4.28
C ALA A 35 -17.38 2.20 -3.00
N ALA A 36 -17.66 2.97 -1.94
CA ALA A 36 -18.18 2.36 -0.68
C ALA A 36 -19.43 1.50 -0.96
N THR A 37 -20.35 1.99 -1.79
CA THR A 37 -21.55 1.21 -2.10
C THR A 37 -21.22 -0.09 -2.80
N GLN A 38 -20.18 -0.07 -3.64
CA GLN A 38 -19.78 -1.25 -4.39
C GLN A 38 -19.12 -2.27 -3.45
N LEU A 39 -18.27 -1.76 -2.55
CA LEU A 39 -17.57 -2.63 -1.61
C LEU A 39 -18.59 -3.30 -0.68
N GLN A 40 -19.63 -2.53 -0.29
CA GLN A 40 -20.66 -3.01 0.63
C GLN A 40 -21.40 -4.21 0.05
N ALA A 41 -21.49 -4.24 -1.29
N ALA A 41 -21.56 -4.27 -1.26
CA ALA A 41 -22.22 -5.29 -2.01
CA ALA A 41 -22.29 -5.38 -1.84
C ALA A 41 -21.41 -6.58 -2.31
C ALA A 41 -21.77 -6.78 -1.40
N THR A 42 -20.12 -6.55 -2.00
N THR A 42 -20.48 -6.87 -1.04
CA THR A 42 -19.26 -7.74 -1.80
CA THR A 42 -19.86 -8.15 -0.69
C THR A 42 -19.27 -8.24 -0.33
C THR A 42 -19.22 -8.27 0.69
N ASP A 43 -18.51 -9.31 -0.04
N ASP A 43 -18.71 -9.46 0.94
CA ASP A 43 -18.35 -9.83 1.36
CA ASP A 43 -18.11 -9.80 2.20
C ASP A 43 -16.92 -9.59 1.92
C ASP A 43 -16.70 -10.18 1.80
N TYR A 44 -16.05 -9.15 1.02
N TYR A 44 -16.04 -9.21 1.18
CA TYR A 44 -14.61 -9.14 1.24
C TYR A 44 -14.15 -7.95 2.03
N VAL A 45 -14.68 -6.80 1.67
CA VAL A 45 -14.27 -5.55 2.33
C VAL A 45 -15.51 -4.79 2.83
N THR A 46 -15.52 -4.48 4.11
CA THR A 46 -16.53 -3.62 4.75
C THR A 46 -16.05 -2.21 4.84
N PRO A 47 -16.73 -1.31 4.14
CA PRO A 47 -16.32 0.07 4.21
C PRO A 47 -16.87 0.77 5.46
N ILE A 48 -16.03 1.57 6.11
CA ILE A 48 -16.44 2.42 7.23
C ILE A 48 -16.26 3.84 6.71
N VAL A 49 -17.35 4.51 6.37
CA VAL A 49 -17.30 5.81 5.73
C VAL A 49 -17.46 6.89 6.80
N LEU A 50 -16.65 7.92 6.71
CA LEU A 50 -16.71 9.05 7.63
C LEU A 50 -17.19 10.34 6.97
N GLY A 51 -17.88 11.16 7.76
CA GLY A 51 -18.22 12.49 7.32
C GLY A 51 -19.40 13.03 8.07
N ASP A 52 -19.81 14.24 7.73
CA ASP A 52 -21.07 14.78 8.27
C ASP A 52 -22.24 13.97 7.72
N GLU A 53 -23.09 13.41 8.58
CA GLU A 53 -24.11 12.46 8.10
CA GLU A 53 -24.10 12.46 8.12
C GLU A 53 -25.10 13.09 7.14
N THR A 54 -25.48 14.31 7.41
CA THR A 54 -26.47 14.95 6.58
C THR A 54 -25.84 15.25 5.18
N LYS A 55 -24.59 15.71 5.14
CA LYS A 55 -23.93 16.00 3.85
CA LYS A 55 -23.95 16.00 3.84
C LYS A 55 -23.67 14.73 3.04
N VAL A 56 -23.25 13.66 3.70
CA VAL A 56 -23.01 12.41 3.00
C VAL A 56 -24.33 11.85 2.46
N GLN A 57 -25.40 11.87 3.26
CA GLN A 57 -26.69 11.39 2.79
CA GLN A 57 -26.69 11.38 2.77
C GLN A 57 -27.22 12.22 1.62
N SER A 58 -27.00 13.53 1.69
CA SER A 58 -27.42 14.42 0.59
C SER A 58 -26.64 14.10 -0.69
N LEU A 59 -25.33 13.87 -0.57
CA LEU A 59 -24.54 13.47 -1.71
C LEU A 59 -25.01 12.13 -2.27
N ALA A 60 -25.30 11.16 -1.40
CA ALA A 60 -25.81 9.87 -1.90
C ALA A 60 -27.08 10.05 -2.75
N GLN A 61 -27.96 10.90 -2.25
CA GLN A 61 -29.23 11.16 -2.94
CA GLN A 61 -29.23 11.17 -2.94
C GLN A 61 -28.96 11.76 -4.34
N LYS A 62 -28.04 12.71 -4.40
CA LYS A 62 -27.66 13.35 -5.65
C LYS A 62 -27.12 12.31 -6.64
N LEU A 63 -26.36 11.38 -6.10
CA LEU A 63 -25.73 10.31 -6.89
C LEU A 63 -26.62 9.11 -7.13
N ASN A 64 -27.84 9.13 -6.59
CA ASN A 64 -28.78 8.02 -6.79
C ASN A 64 -28.23 6.74 -6.16
N LEU A 65 -27.55 6.86 -5.01
CA LEU A 65 -27.05 5.73 -4.26
C LEU A 65 -27.87 5.47 -3.02
N ASP A 66 -28.10 4.21 -2.72
CA ASP A 66 -28.66 3.78 -1.44
C ASP A 66 -27.50 3.45 -0.52
N ILE A 67 -27.28 4.28 0.49
CA ILE A 67 -26.19 4.07 1.44
C ILE A 67 -26.70 3.60 2.80
N SER A 68 -27.95 3.16 2.86
CA SER A 68 -28.58 2.82 4.12
C SER A 68 -27.93 1.68 4.89
N ASN A 69 -27.21 0.80 4.20
CA ASN A 69 -26.53 -0.34 4.83
CA ASN A 69 -26.53 -0.33 4.85
C ASN A 69 -25.03 -0.09 5.05
N ILE A 70 -24.57 1.12 4.78
CA ILE A 70 -23.17 1.46 5.05
C ILE A 70 -22.98 2.04 6.42
N GLU A 71 -21.92 1.60 7.11
CA GLU A 71 -21.57 2.22 8.38
C GLU A 71 -20.99 3.62 8.13
N LEU A 72 -21.63 4.65 8.66
CA LEU A 72 -21.28 6.05 8.41
C LEU A 72 -21.16 6.68 9.75
N ILE A 73 -19.99 7.24 10.02
CA ILE A 73 -19.63 7.84 11.29
C ILE A 73 -19.22 9.29 11.14
N ASN A 74 -19.84 10.18 11.92
CA ASN A 74 -19.42 11.56 12.03
C ASN A 74 -18.53 11.65 13.26
N PRO A 75 -17.23 11.95 13.07
CA PRO A 75 -16.31 11.97 14.22
C PRO A 75 -16.82 12.74 15.43
N ALA A 76 -17.40 13.89 15.22
CA ALA A 76 -17.73 14.76 16.33
C ALA A 76 -18.81 14.20 17.24
N THR A 77 -19.67 13.35 16.68
CA THR A 77 -20.78 12.83 17.42
C THR A 77 -20.67 11.32 17.66
N SER A 78 -19.56 10.71 17.28
CA SER A 78 -19.40 9.29 17.46
C SER A 78 -19.28 8.88 18.94
N GLU A 79 -20.00 7.81 19.29
CA GLU A 79 -19.87 7.20 20.60
CA GLU A 79 -19.88 7.13 20.57
C GLU A 79 -18.44 6.68 20.84
N LEU A 80 -17.66 6.51 19.78
CA LEU A 80 -16.28 6.04 19.89
C LEU A 80 -15.28 7.18 20.16
N LYS A 81 -15.69 8.44 19.95
CA LYS A 81 -14.73 9.50 20.03
C LYS A 81 -13.98 9.55 21.35
N ALA A 82 -14.72 9.45 22.46
CA ALA A 82 -14.11 9.50 23.76
C ALA A 82 -12.96 8.49 23.95
N GLU A 83 -13.20 7.24 23.58
CA GLU A 83 -12.13 6.26 23.72
CA GLU A 83 -12.13 6.21 23.66
C GLU A 83 -10.96 6.58 22.76
N LEU A 84 -11.26 7.08 21.56
CA LEU A 84 -10.19 7.38 20.64
C LEU A 84 -9.36 8.59 21.11
N VAL A 85 -10.02 9.57 21.73
CA VAL A 85 -9.32 10.70 22.33
C VAL A 85 -8.34 10.19 23.38
N GLN A 86 -8.82 9.35 24.27
CA GLN A 86 -7.96 8.88 25.37
C GLN A 86 -6.78 8.08 24.80
N SER A 87 -7.04 7.24 23.81
CA SER A 87 -5.97 6.45 23.21
C SER A 87 -4.94 7.29 22.46
N PHE A 88 -5.43 8.30 21.76
CA PHE A 88 -4.54 9.20 21.05
C PHE A 88 -3.67 9.97 22.03
N VAL A 89 -4.28 10.48 23.10
CA VAL A 89 -3.46 11.13 24.15
C VAL A 89 -2.39 10.16 24.68
N GLU A 90 -2.75 8.92 24.96
CA GLU A 90 -1.75 7.97 25.48
CA GLU A 90 -1.78 7.94 25.47
C GLU A 90 -0.67 7.72 24.44
N ARG A 91 -1.07 7.55 23.19
CA ARG A 91 -0.13 7.22 22.13
C ARG A 91 0.89 8.32 21.92
N ARG A 92 0.45 9.58 22.11
CA ARG A 92 1.27 10.77 21.90
C ARG A 92 2.20 11.11 23.08
N LYS A 93 2.10 10.35 24.17
CA LYS A 93 3.08 10.41 25.26
C LYS A 93 3.25 11.84 25.85
N GLY A 94 2.15 12.57 25.87
CA GLY A 94 2.10 13.93 26.43
C GLY A 94 2.34 15.03 25.43
N LYS A 95 2.58 14.66 24.17
CA LYS A 95 2.78 15.67 23.13
C LYS A 95 1.49 16.36 22.65
N THR A 96 0.35 15.79 23.01
CA THR A 96 -0.94 16.34 22.72
C THR A 96 -1.78 16.38 24.00
N THR A 97 -2.44 17.50 24.24
CA THR A 97 -3.35 17.66 25.36
C THR A 97 -4.67 17.00 25.00
N GLU A 98 -5.47 16.76 26.03
CA GLU A 98 -6.81 16.21 25.87
C GLU A 98 -7.61 17.19 25.02
N GLU A 99 -7.47 18.49 25.25
CA GLU A 99 -8.25 19.48 24.48
C GLU A 99 -7.84 19.46 23.01
N GLN A 100 -6.54 19.33 22.77
CA GLN A 100 -6.05 19.27 21.41
C GLN A 100 -6.52 18.00 20.73
N ALA A 101 -6.53 16.89 21.45
CA ALA A 101 -6.96 15.61 20.89
C ALA A 101 -8.46 15.67 20.55
N GLN A 102 -9.25 16.34 21.39
CA GLN A 102 -10.69 16.47 21.16
CA GLN A 102 -10.69 16.45 21.14
C GLN A 102 -10.94 17.20 19.84
N GLU A 103 -10.06 18.18 19.57
CA GLU A 103 -10.14 18.99 18.36
C GLU A 103 -9.66 18.22 17.13
N LEU A 104 -8.48 17.62 17.23
CA LEU A 104 -7.86 16.90 16.12
C LEU A 104 -8.72 15.73 15.66
N LEU A 105 -9.36 15.02 16.61
CA LEU A 105 -10.13 13.83 16.29
CA LEU A 105 -10.11 13.84 16.25
C LEU A 105 -11.46 14.17 15.62
N ASN A 106 -11.79 15.46 15.47
CA ASN A 106 -12.90 15.83 14.63
C ASN A 106 -12.56 15.76 13.15
N ASN A 107 -11.27 15.77 12.83
CA ASN A 107 -10.77 15.63 11.45
C ASN A 107 -10.93 14.18 11.03
N VAL A 108 -11.54 13.98 9.86
CA VAL A 108 -11.85 12.63 9.39
C VAL A 108 -10.62 11.73 9.21
N ASN A 109 -9.51 12.31 8.75
CA ASN A 109 -8.30 11.51 8.58
C ASN A 109 -7.67 11.12 9.92
N TYR A 110 -7.66 12.02 10.89
CA TYR A 110 -7.20 11.65 12.23
C TYR A 110 -8.11 10.60 12.89
N PHE A 111 -9.41 10.83 12.83
CA PHE A 111 -10.37 9.90 13.39
C PHE A 111 -10.22 8.56 12.74
N GLY A 112 -10.15 8.54 11.40
CA GLY A 112 -9.97 7.27 10.72
C GLY A 112 -8.72 6.52 11.07
N THR A 113 -7.61 7.27 11.20
CA THR A 113 -6.36 6.69 11.57
C THR A 113 -6.47 6.07 12.99
N MSE A 114 -7.12 6.76 13.89
CA MSE A 114 -7.35 6.24 15.23
C MSE A 114 -8.27 5.02 15.28
O MSE A 114 -8.01 4.14 16.06
CB MSE A 114 -7.87 7.35 16.11
CG MSE A 114 -6.76 8.28 16.69
SE MSE A 114 -5.33 7.36 17.62
CE MSE A 114 -6.51 6.37 18.87
N LEU A 115 -9.25 4.91 14.38
CA LEU A 115 -10.04 3.71 14.28
C LEU A 115 -9.13 2.54 13.99
N VAL A 116 -8.17 2.72 13.09
CA VAL A 116 -7.24 1.64 12.76
C VAL A 116 -6.35 1.29 13.94
N TYR A 117 -5.74 2.31 14.55
CA TYR A 117 -4.85 2.09 15.65
C TYR A 117 -5.54 1.39 16.82
N ALA A 118 -6.76 1.78 17.11
CA ALA A 118 -7.55 1.21 18.19
C ALA A 118 -8.14 -0.15 17.89
N GLY A 119 -7.98 -0.67 16.68
CA GLY A 119 -8.47 -2.03 16.33
C GLY A 119 -9.92 -2.08 15.93
N LYS A 120 -10.51 -0.92 15.69
CA LYS A 120 -11.89 -0.80 15.24
C LYS A 120 -12.02 -0.98 13.72
N ALA A 121 -10.91 -0.78 13.02
CA ALA A 121 -10.83 -1.05 11.59
C ALA A 121 -9.42 -1.54 11.30
N ASP A 122 -9.24 -2.11 10.11
CA ASP A 122 -8.01 -2.80 9.74
C ASP A 122 -7.06 -2.01 8.86
N GLY A 123 -7.61 -1.07 8.13
CA GLY A 123 -6.79 -0.23 7.26
C GLY A 123 -7.59 0.98 6.82
N LEU A 124 -6.98 1.83 6.00
CA LEU A 124 -7.57 3.11 5.63
C LEU A 124 -7.10 3.53 4.25
N VAL A 125 -8.04 4.06 3.47
CA VAL A 125 -7.76 4.56 2.10
C VAL A 125 -8.31 5.98 2.04
N SER A 126 -7.47 6.94 1.66
CA SER A 126 -7.87 8.31 1.58
C SER A 126 -7.04 8.99 0.47
N GLY A 127 -7.26 10.29 0.30
CA GLY A 127 -6.48 11.09 -0.66
C GLY A 127 -7.26 11.61 -1.85
N ALA A 128 -8.50 11.15 -2.04
CA ALA A 128 -9.32 11.67 -3.17
C ALA A 128 -9.66 13.15 -3.04
N ALA A 129 -9.81 13.63 -1.80
CA ALA A 129 -10.30 14.97 -1.51
C ALA A 129 -9.13 15.91 -1.27
N HIS A 130 -9.31 17.14 -1.72
CA HIS A 130 -8.27 18.15 -1.60
C HIS A 130 -7.94 18.41 -0.15
N SER A 131 -8.95 18.43 0.72
CA SER A 131 -8.74 18.67 2.17
C SER A 131 -7.92 17.59 2.90
N THR A 132 -7.74 16.43 2.29
CA THR A 132 -6.89 15.39 2.85
C THR A 132 -5.46 15.77 2.48
N GLY A 133 -4.56 15.65 3.40
CA GLY A 133 -3.22 16.08 2.95
C GLY A 133 -2.65 14.84 2.32
N ASP A 134 -1.52 14.50 2.88
CA ASP A 134 -0.92 13.20 2.65
CA ASP A 134 -0.85 13.24 2.69
C ASP A 134 -1.58 12.29 3.64
N THR A 135 -2.20 11.25 3.09
CA THR A 135 -2.90 10.27 3.87
C THR A 135 -2.01 9.69 4.92
N VAL A 136 -0.71 9.55 4.60
CA VAL A 136 0.24 8.81 5.42
C VAL A 136 0.66 9.59 6.67
N ARG A 137 0.44 10.90 6.68
CA ARG A 137 1.00 11.74 7.73
C ARG A 137 0.48 11.34 9.13
N PRO A 138 -0.86 11.26 9.31
CA PRO A 138 -1.31 10.85 10.61
C PRO A 138 -0.89 9.44 10.91
N ALA A 139 -0.85 8.58 9.88
CA ALA A 139 -0.40 7.20 10.06
C ALA A 139 0.98 7.12 10.62
N LEU A 140 1.89 7.94 10.09
CA LEU A 140 3.27 7.90 10.61
C LEU A 140 3.32 8.26 12.11
N GLN A 141 2.51 9.23 12.50
CA GLN A 141 2.47 9.67 13.90
C GLN A 141 1.86 8.62 14.81
N ILE A 142 0.80 7.98 14.32
CA ILE A 142 -0.06 7.16 15.18
C ILE A 142 0.26 5.67 14.98
N ILE A 143 0.24 5.22 13.73
CA ILE A 143 0.36 3.78 13.44
C ILE A 143 1.82 3.38 13.51
N LYS A 144 2.65 4.17 12.83
CA LYS A 144 4.12 4.00 12.76
C LYS A 144 4.54 2.84 11.85
N THR A 145 5.83 2.84 11.49
CA THR A 145 6.38 1.69 10.82
C THR A 145 6.50 0.49 11.77
N LYS A 146 6.48 -0.69 11.14
CA LYS A 146 6.66 -1.98 11.82
C LYS A 146 7.96 -2.04 12.56
N PRO A 147 8.04 -2.84 13.64
CA PRO A 147 9.34 -3.05 14.25
C PRO A 147 10.38 -3.54 13.23
N GLY A 148 11.55 -2.95 13.28
CA GLY A 148 12.61 -3.31 12.39
C GLY A 148 12.63 -2.59 11.06
N VAL A 149 11.62 -1.79 10.77
CA VAL A 149 11.53 -1.01 9.55
C VAL A 149 11.66 0.46 9.86
N SER A 150 12.58 1.11 9.16
CA SER A 150 12.80 2.56 9.31
C SER A 150 11.77 3.44 8.64
N ARG A 151 11.45 3.13 7.38
CA ARG A 151 10.64 4.00 6.55
C ARG A 151 9.69 3.19 5.68
N THR A 152 8.63 3.89 5.23
CA THR A 152 7.73 3.38 4.21
C THR A 152 8.41 3.42 2.85
N SER A 153 7.87 2.65 1.92
CA SER A 153 8.29 2.69 0.51
C SER A 153 7.03 2.45 -0.32
N GLY A 154 7.11 2.79 -1.60
CA GLY A 154 5.99 2.75 -2.52
C GLY A 154 6.23 1.80 -3.68
N ILE A 155 5.31 0.85 -3.83
CA ILE A 155 5.38 -0.16 -4.87
C ILE A 155 4.21 0.01 -5.84
N PHE A 156 4.39 -0.49 -7.05
CA PHE A 156 3.32 -0.58 -8.03
C PHE A 156 3.22 -2.01 -8.51
N PHE A 157 1.97 -2.46 -8.71
CA PHE A 157 1.72 -3.64 -9.50
C PHE A 157 1.79 -3.18 -10.97
N MSE A 158 2.63 -3.88 -11.73
CA MSE A 158 2.72 -3.68 -13.18
C MSE A 158 2.08 -4.89 -13.83
O MSE A 158 2.56 -6.00 -13.71
CB MSE A 158 4.19 -3.59 -13.62
CG MSE A 158 4.99 -2.47 -12.83
SE MSE A 158 4.28 -0.74 -12.86
CE MSE A 158 4.14 -0.48 -14.77
N ILE A 159 0.94 -4.64 -14.49
CA ILE A 159 0.08 -5.75 -14.98
C ILE A 159 -0.26 -5.59 -16.45
N LYS A 160 -0.15 -6.69 -17.17
CA LYS A 160 -0.54 -6.67 -18.58
C LYS A 160 -0.83 -8.08 -18.97
N GLY A 161 -2.07 -8.33 -19.41
CA GLY A 161 -2.45 -9.68 -19.78
C GLY A 161 -2.23 -10.60 -18.60
N ASP A 162 -1.46 -11.65 -18.83
CA ASP A 162 -1.10 -12.66 -17.81
C ASP A 162 0.18 -12.37 -17.02
N GLU A 163 0.69 -11.15 -17.14
CA GLU A 163 1.91 -10.76 -16.45
C GLU A 163 1.58 -9.84 -15.30
N GLN A 164 2.20 -10.13 -14.15
CA GLN A 164 2.06 -9.29 -12.97
C GLN A 164 3.42 -9.22 -12.23
N TYR A 165 3.93 -8.00 -12.10
CA TYR A 165 5.18 -7.74 -11.42
C TYR A 165 4.94 -6.70 -10.33
N ILE A 166 5.85 -6.67 -9.35
CA ILE A 166 5.90 -5.56 -8.38
CA ILE A 166 5.90 -5.57 -8.37
C ILE A 166 7.19 -4.77 -8.65
N PHE A 167 7.05 -3.46 -8.73
CA PHE A 167 8.20 -2.54 -8.88
C PHE A 167 8.23 -1.64 -7.61
N GLY A 168 9.43 -1.42 -7.07
CA GLY A 168 9.58 -0.38 -6.02
C GLY A 168 11.04 -0.09 -5.79
N ASP A 169 11.38 0.89 -4.95
CA ASP A 169 10.54 1.98 -4.51
C ASP A 169 10.42 2.99 -5.66
N CYS A 170 9.20 3.24 -6.08
CA CYS A 170 8.91 4.06 -7.23
C CYS A 170 8.32 5.38 -6.86
N ALA A 171 8.17 5.68 -5.55
CA ALA A 171 7.45 6.87 -5.14
C ALA A 171 8.02 7.66 -3.96
N ILE A 172 8.69 7.01 -3.02
CA ILE A 172 8.83 7.65 -1.68
C ILE A 172 10.22 8.21 -1.34
N ASN A 173 11.26 7.39 -1.45
CA ASN A 173 12.58 7.72 -0.83
C ASN A 173 13.60 8.19 -1.86
N PRO A 174 13.92 9.50 -1.86
CA PRO A 174 14.86 10.02 -2.85
C PRO A 174 16.32 9.76 -2.57
N GLU A 175 16.67 9.31 -1.36
CA GLU A 175 18.04 8.99 -1.01
C GLU A 175 18.05 7.63 -0.33
N LEU A 176 18.63 6.67 -1.02
CA LEU A 176 18.73 5.31 -0.54
C LEU A 176 20.14 4.75 -0.56
N ASP A 177 20.60 4.23 0.56
CA ASP A 177 21.86 3.47 0.67
C ASP A 177 21.61 1.98 0.76
N SER A 178 22.63 1.17 1.00
CA SER A 178 22.46 -0.28 1.00
C SER A 178 21.40 -0.76 2.00
N GLN A 179 21.43 -0.20 3.18
CA GLN A 179 20.49 -0.61 4.23
CA GLN A 179 20.50 -0.57 4.24
C GLN A 179 19.07 -0.24 3.82
N GLY A 180 18.88 0.93 3.22
CA GLY A 180 17.56 1.31 2.80
C GLY A 180 17.07 0.43 1.66
N LEU A 181 17.92 0.13 0.69
CA LEU A 181 17.51 -0.76 -0.39
C LEU A 181 17.18 -2.16 0.14
N ALA A 182 17.98 -2.65 1.09
CA ALA A 182 17.75 -4.00 1.62
C ALA A 182 16.38 -4.02 2.32
N GLU A 183 16.04 -2.95 3.03
CA GLU A 183 14.74 -2.83 3.69
C GLU A 183 13.59 -2.91 2.69
N ILE A 184 13.75 -2.20 1.59
CA ILE A 184 12.75 -2.24 0.52
C ILE A 184 12.62 -3.62 -0.04
N ALA A 185 13.72 -4.31 -0.23
CA ALA A 185 13.69 -5.65 -0.81
C ALA A 185 12.87 -6.59 0.09
N VAL A 186 13.14 -6.56 1.39
CA VAL A 186 12.48 -7.43 2.33
C VAL A 186 10.99 -7.06 2.44
N GLU A 187 10.66 -5.78 2.55
CA GLU A 187 9.27 -5.39 2.62
C GLU A 187 8.52 -5.75 1.33
N SER A 188 9.15 -5.56 0.18
CA SER A 188 8.51 -5.90 -1.07
C SER A 188 8.23 -7.40 -1.12
N ALA A 189 9.17 -8.23 -0.69
CA ALA A 189 8.94 -9.68 -0.64
C ALA A 189 7.71 -10.01 0.23
N LYS A 190 7.61 -9.36 1.39
CA LYS A 190 6.50 -9.57 2.31
C LYS A 190 5.20 -9.11 1.68
N SER A 191 5.21 -8.00 1.01
CA SER A 191 4.03 -7.52 0.33
C SER A 191 3.59 -8.47 -0.77
N ALA A 192 4.55 -8.91 -1.59
CA ALA A 192 4.26 -9.88 -2.62
C ALA A 192 3.58 -11.13 -2.04
N LEU A 193 4.07 -11.64 -0.89
CA LEU A 193 3.40 -12.77 -0.22
C LEU A 193 1.96 -12.45 0.17
N SER A 194 1.73 -11.26 0.71
CA SER A 194 0.37 -10.79 1.02
C SER A 194 -0.56 -10.78 -0.15
N PHE A 195 0.03 -10.60 -1.32
CA PHE A 195 -0.75 -10.52 -2.55
C PHE A 195 -0.79 -11.84 -3.30
N GLY A 196 -0.35 -12.91 -2.68
CA GLY A 196 -0.44 -14.26 -3.24
C GLY A 196 0.63 -14.66 -4.26
N MSE A 197 1.71 -13.89 -4.31
CA MSE A 197 2.82 -14.20 -5.23
C MSE A 197 3.87 -15.01 -4.49
O MSE A 197 3.98 -14.97 -3.26
CB MSE A 197 3.44 -12.87 -5.74
CG MSE A 197 2.43 -11.93 -6.38
SE MSE A 197 3.15 -10.20 -6.79
CE MSE A 197 4.60 -10.78 -7.92
N ASP A 198 4.65 -15.75 -5.26
CA ASP A 198 5.80 -16.48 -4.80
C ASP A 198 6.99 -15.57 -5.11
N PRO A 199 7.51 -14.84 -4.11
CA PRO A 199 8.38 -13.71 -4.48
C PRO A 199 9.77 -14.11 -4.88
N LYS A 200 10.14 -13.60 -6.05
CA LYS A 200 11.50 -13.73 -6.55
C LYS A 200 11.97 -12.34 -6.84
N VAL A 201 12.83 -11.82 -5.94
CA VAL A 201 13.14 -10.40 -5.86
C VAL A 201 14.54 -10.12 -6.44
N ALA A 202 14.59 -9.35 -7.51
CA ALA A 202 15.82 -8.92 -8.18
C ALA A 202 16.14 -7.51 -7.79
N MSE A 203 17.36 -7.32 -7.31
CA MSE A 203 17.88 -6.02 -7.01
C MSE A 203 18.66 -5.49 -8.22
O MSE A 203 19.64 -6.10 -8.65
CB MSE A 203 18.72 -6.07 -5.73
CG MSE A 203 17.84 -6.63 -4.53
SE MSE A 203 18.50 -6.18 -2.81
CE MSE A 203 18.05 -4.33 -2.96
N LEU A 204 18.13 -4.43 -8.82
CA LEU A 204 18.59 -3.95 -10.11
C LEU A 204 19.75 -2.98 -10.04
N SER A 205 20.51 -2.94 -11.13
CA SER A 205 21.64 -2.05 -11.32
C SER A 205 21.93 -1.95 -12.81
N PHE A 206 23.01 -1.23 -13.17
CA PHE A 206 23.59 -1.25 -14.50
C PHE A 206 24.64 -2.33 -14.67
N SER A 207 24.94 -3.06 -13.59
CA SER A 207 25.85 -4.17 -13.55
C SER A 207 25.03 -5.44 -13.33
N THR A 208 25.52 -6.54 -13.88
CA THR A 208 25.06 -7.89 -13.50
C THR A 208 26.23 -8.65 -12.90
N LYS A 209 26.08 -9.05 -11.64
CA LYS A 209 27.04 -9.92 -10.95
C LYS A 209 28.49 -9.53 -11.21
N GLY A 210 28.79 -8.26 -10.94
CA GLY A 210 30.16 -7.75 -10.99
C GLY A 210 30.67 -7.31 -12.35
N SER A 211 29.78 -7.21 -13.33
CA SER A 211 30.17 -6.81 -14.71
C SER A 211 30.65 -5.36 -14.77
N ALA A 212 30.25 -4.53 -13.79
CA ALA A 212 30.78 -3.16 -13.67
C ALA A 212 31.17 -2.88 -12.24
N LYS A 213 32.01 -1.87 -12.04
CA LYS A 213 32.51 -1.51 -10.73
C LYS A 213 32.25 -0.02 -10.58
N SER A 214 31.59 0.37 -9.50
CA SER A 214 31.37 1.74 -9.15
C SER A 214 30.72 1.74 -7.76
N ASP A 215 30.66 2.91 -7.14
CA ASP A 215 30.09 3.00 -5.84
C ASP A 215 28.61 2.54 -5.86
N ASP A 216 27.86 2.91 -6.90
CA ASP A 216 26.44 2.53 -7.02
C ASP A 216 26.30 1.03 -7.20
N VAL A 217 27.26 0.36 -7.82
CA VAL A 217 27.19 -1.08 -7.96
C VAL A 217 27.43 -1.74 -6.60
N THR A 218 28.47 -1.28 -5.89
CA THR A 218 28.76 -1.77 -4.56
C THR A 218 27.53 -1.60 -3.63
N LYS A 219 26.86 -0.48 -3.74
CA LYS A 219 25.67 -0.21 -2.96
C LYS A 219 24.62 -1.32 -3.12
N VAL A 220 24.37 -1.71 -4.35
CA VAL A 220 23.37 -2.76 -4.57
C VAL A 220 23.90 -4.14 -4.14
N GLN A 221 25.19 -4.45 -4.39
CA GLN A 221 25.77 -5.72 -3.95
C GLN A 221 25.62 -5.88 -2.44
N GLU A 222 25.95 -4.83 -1.69
CA GLU A 222 25.86 -4.88 -0.22
C GLU A 222 24.38 -5.02 0.19
N ALA A 223 23.47 -4.33 -0.53
CA ALA A 223 22.03 -4.43 -0.23
C ALA A 223 21.55 -5.87 -0.36
N VAL A 224 22.03 -6.58 -1.38
CA VAL A 224 21.65 -7.99 -1.60
C VAL A 224 22.04 -8.84 -0.40
N LYS A 225 23.27 -8.66 0.10
CA LYS A 225 23.75 -9.39 1.28
C LYS A 225 22.89 -9.11 2.49
N LEU A 226 22.59 -7.86 2.72
CA LEU A 226 21.81 -7.49 3.91
C LEU A 226 20.38 -8.01 3.82
N ALA A 227 19.80 -7.94 2.62
CA ALA A 227 18.42 -8.42 2.41
C ALA A 227 18.33 -9.91 2.56
N GLN A 228 19.32 -10.61 2.06
CA GLN A 228 19.33 -12.06 2.21
C GLN A 228 19.45 -12.44 3.68
N GLN A 229 20.30 -11.70 4.41
CA GLN A 229 20.53 -11.94 5.84
CA GLN A 229 20.52 -11.95 5.83
C GLN A 229 19.21 -11.76 6.60
N LYS A 230 18.51 -10.66 6.33
CA LYS A 230 17.23 -10.36 7.01
C LYS A 230 16.14 -11.41 6.65
N ALA A 231 16.07 -11.78 5.37
CA ALA A 231 15.15 -12.84 4.91
C ALA A 231 15.40 -14.21 5.54
N GLU A 232 16.66 -14.65 5.56
CA GLU A 232 17.03 -15.96 6.07
CA GLU A 232 17.06 -15.95 6.10
C GLU A 232 16.78 -15.99 7.56
N GLU A 233 17.07 -14.88 8.25
CA GLU A 233 16.82 -14.78 9.68
C GLU A 233 15.39 -15.19 9.97
N GLU A 234 14.46 -14.67 9.16
CA GLU A 234 13.04 -14.82 9.40
C GLU A 234 12.41 -15.97 8.64
N LYS A 235 13.24 -16.77 7.99
CA LYS A 235 12.77 -17.85 7.16
C LYS A 235 11.65 -17.37 6.23
N LEU A 236 11.88 -16.22 5.60
CA LEU A 236 10.96 -15.69 4.64
C LEU A 236 10.90 -16.65 3.44
N GLU A 237 9.70 -16.93 2.96
CA GLU A 237 9.51 -17.76 1.79
C GLU A 237 9.68 -16.92 0.53
N ALA A 238 10.91 -16.54 0.25
CA ALA A 238 11.25 -15.63 -0.83
C ALA A 238 12.71 -15.85 -1.22
N ILE A 239 13.01 -15.54 -2.49
CA ILE A 239 14.38 -15.50 -2.95
C ILE A 239 14.68 -14.03 -3.27
N ILE A 240 15.81 -13.55 -2.75
CA ILE A 240 16.30 -12.20 -3.05
C ILE A 240 17.71 -12.33 -3.57
N ASP A 241 17.95 -11.70 -4.74
CA ASP A 241 19.26 -11.83 -5.39
C ASP A 241 19.57 -10.57 -6.25
N GLY A 242 20.84 -10.47 -6.59
CA GLY A 242 21.35 -9.36 -7.37
C GLY A 242 22.86 -9.31 -7.26
N GLU A 243 23.48 -8.29 -7.82
CA GLU A 243 22.83 -7.26 -8.63
C GLU A 243 22.61 -7.75 -10.05
N PHE A 244 21.50 -7.28 -10.63
CA PHE A 244 21.13 -7.67 -11.99
C PHE A 244 20.79 -6.46 -12.84
N GLN A 245 21.19 -6.48 -14.10
CA GLN A 245 20.57 -5.58 -15.04
C GLN A 245 19.13 -6.10 -15.31
N PHE A 246 18.28 -5.23 -15.84
CA PHE A 246 16.87 -5.59 -15.94
C PHE A 246 16.65 -6.84 -16.80
N ASP A 247 17.34 -6.91 -17.94
CA ASP A 247 17.23 -8.10 -18.78
C ASP A 247 17.74 -9.38 -18.09
N ALA A 248 18.82 -9.31 -17.31
CA ALA A 248 19.33 -10.48 -16.61
C ALA A 248 18.30 -10.93 -15.51
N ALA A 249 17.46 -10.00 -15.01
CA ALA A 249 16.51 -10.34 -13.99
C ALA A 249 15.26 -11.05 -14.54
N ILE A 250 14.92 -10.78 -15.80
CA ILE A 250 13.62 -11.17 -16.36
C ILE A 250 13.68 -12.03 -17.61
N VAL A 251 14.88 -12.27 -18.15
CA VAL A 251 15.07 -13.06 -19.36
C VAL A 251 15.98 -14.25 -19.02
N PRO A 252 15.43 -15.46 -18.97
CA PRO A 252 16.24 -16.63 -18.58
C PRO A 252 17.54 -16.81 -19.37
N GLY A 253 17.51 -16.57 -20.69
CA GLY A 253 18.67 -16.77 -21.56
C GLY A 253 19.79 -15.79 -21.21
N VAL A 254 19.38 -14.57 -20.83
CA VAL A 254 20.37 -13.56 -20.37
C VAL A 254 20.95 -13.92 -19.03
N ALA A 255 20.09 -14.34 -18.11
CA ALA A 255 20.54 -14.81 -16.81
C ALA A 255 21.54 -15.95 -16.89
N GLU A 256 21.28 -16.89 -17.81
CA GLU A 256 22.14 -18.05 -17.99
CA GLU A 256 22.15 -18.04 -17.93
C GLU A 256 23.54 -17.61 -18.44
N LYS A 257 23.59 -16.61 -19.31
CA LYS A 257 24.87 -16.11 -19.83
CA LYS A 257 24.86 -16.10 -19.85
C LYS A 257 25.60 -15.17 -18.87
N LYS A 258 24.84 -14.27 -18.25
CA LYS A 258 25.45 -13.20 -17.43
C LYS A 258 25.48 -13.45 -15.93
N ALA A 259 24.62 -14.36 -15.47
CA ALA A 259 24.53 -14.69 -14.03
C ALA A 259 24.45 -16.21 -13.81
N PRO A 260 25.41 -16.96 -14.37
CA PRO A 260 25.34 -18.40 -14.27
C PRO A 260 25.32 -18.86 -12.82
N GLY A 261 24.42 -19.79 -12.54
CA GLY A 261 24.32 -20.35 -11.19
C GLY A 261 23.79 -19.42 -10.11
N ALA A 262 23.33 -18.22 -10.49
CA ALA A 262 22.67 -17.33 -9.54
C ALA A 262 21.35 -17.96 -9.07
N LYS A 263 20.85 -17.43 -7.94
CA LYS A 263 19.63 -17.93 -7.29
C LYS A 263 18.42 -17.63 -8.15
N LEU A 264 18.46 -16.50 -8.86
CA LEU A 264 17.43 -16.19 -9.85
C LEU A 264 17.99 -16.43 -11.24
N GLN A 265 17.15 -16.97 -12.12
CA GLN A 265 17.51 -17.30 -13.51
C GLN A 265 16.50 -16.70 -14.47
N GLY A 266 16.38 -15.39 -14.39
CA GLY A 266 15.53 -14.63 -15.29
C GLY A 266 14.06 -14.76 -15.00
N ASP A 267 13.77 -15.12 -13.74
CA ASP A 267 12.43 -15.39 -13.30
C ASP A 267 11.96 -14.51 -12.15
N ALA A 268 12.57 -13.34 -12.01
CA ALA A 268 12.13 -12.36 -11.02
C ALA A 268 10.69 -11.90 -11.32
N ASN A 269 9.93 -11.69 -10.26
CA ASN A 269 8.65 -11.03 -10.32
C ASN A 269 8.51 -9.79 -9.45
N VAL A 270 9.56 -9.48 -8.67
CA VAL A 270 9.60 -8.30 -7.81
C VAL A 270 10.95 -7.65 -8.15
N PHE A 271 10.91 -6.36 -8.42
CA PHE A 271 12.04 -5.59 -8.91
C PHE A 271 12.28 -4.43 -8.00
N VAL A 272 13.46 -4.42 -7.38
CA VAL A 272 13.89 -3.32 -6.49
C VAL A 272 14.90 -2.45 -7.25
N PHE A 273 14.47 -1.22 -7.47
CA PHE A 273 15.26 -0.23 -8.21
C PHE A 273 16.31 0.35 -7.27
N PRO A 274 17.47 0.75 -7.81
CA PRO A 274 18.58 1.22 -6.92
C PRO A 274 18.41 2.65 -6.45
N SER A 275 17.42 3.39 -6.96
CA SER A 275 17.15 4.76 -6.62
C SER A 275 15.73 5.08 -7.05
N LEU A 276 15.21 6.16 -6.51
CA LEU A 276 13.90 6.68 -6.88
C LEU A 276 13.92 7.19 -8.32
N GLU A 277 14.99 7.84 -8.74
CA GLU A 277 15.13 8.23 -10.14
C GLU A 277 14.92 7.02 -11.03
N ALA A 278 15.65 5.96 -10.78
CA ALA A 278 15.52 4.77 -11.59
C ALA A 278 14.15 4.16 -11.53
N GLY A 279 13.58 4.03 -10.34
CA GLY A 279 12.27 3.39 -10.18
C GLY A 279 11.12 4.18 -10.74
N ASN A 280 11.07 5.49 -10.52
CA ASN A 280 10.00 6.30 -11.02
C ASN A 280 10.01 6.32 -12.55
N ILE A 281 11.17 6.52 -13.14
CA ILE A 281 11.31 6.49 -14.57
C ILE A 281 10.97 5.10 -15.07
N GLY A 282 11.48 4.06 -14.41
CA GLY A 282 11.36 2.71 -14.94
C GLY A 282 9.91 2.28 -14.98
N TYR A 283 9.12 2.56 -13.92
CA TYR A 283 7.70 2.11 -13.99
C TYR A 283 6.95 2.88 -15.05
N LYS A 284 7.29 4.17 -15.24
CA LYS A 284 6.61 5.01 -16.23
CA LYS A 284 6.59 4.97 -16.23
C LYS A 284 6.95 4.51 -17.65
N ILE A 285 8.17 4.03 -17.86
CA ILE A 285 8.54 3.46 -19.15
C ILE A 285 7.76 2.15 -19.38
N ALA A 286 7.69 1.31 -18.37
CA ALA A 286 6.93 0.05 -18.48
C ALA A 286 5.45 0.34 -18.78
N GLN A 287 4.92 1.34 -18.14
CA GLN A 287 3.51 1.74 -18.31
C GLN A 287 3.28 2.22 -19.76
N ARG A 288 4.04 3.22 -20.19
CA ARG A 288 3.75 3.88 -21.46
CA ARG A 288 3.73 3.88 -21.46
C ARG A 288 4.28 3.09 -22.66
N LEU A 289 5.54 2.70 -22.64
CA LEU A 289 6.11 1.98 -23.76
C LEU A 289 5.75 0.48 -23.75
N GLY A 290 5.53 -0.09 -22.55
CA GLY A 290 5.16 -1.48 -22.42
C GLY A 290 3.67 -1.75 -22.39
N GLY A 291 2.85 -0.73 -22.19
CA GLY A 291 1.42 -0.88 -22.07
C GLY A 291 1.01 -1.65 -20.84
N TYR A 292 1.82 -1.59 -19.80
CA TYR A 292 1.44 -2.18 -18.51
C TYR A 292 0.59 -1.17 -17.76
N ASP A 293 -0.43 -1.65 -17.10
CA ASP A 293 -1.14 -0.79 -16.13
C ASP A 293 -0.29 -0.76 -14.86
N ALA A 294 -0.19 0.42 -14.29
CA ALA A 294 0.58 0.68 -13.05
C ALA A 294 -0.44 0.93 -11.95
N VAL A 295 -0.58 -0.03 -11.07
CA VAL A 295 -1.57 0.08 -9.98
C VAL A 295 -0.83 0.44 -8.68
N GLY A 296 -1.10 1.65 -8.21
CA GLY A 296 -0.39 2.18 -7.08
C GLY A 296 -0.34 3.69 -7.12
N PRO A 297 0.52 4.30 -6.28
CA PRO A 297 1.48 3.62 -5.44
C PRO A 297 0.77 2.93 -4.25
N VAL A 298 1.33 1.82 -3.81
CA VAL A 298 0.91 1.08 -2.62
C VAL A 298 2.05 1.24 -1.59
N LEU A 299 1.68 1.70 -0.40
CA LEU A 299 2.65 1.90 0.66
C LEU A 299 2.88 0.59 1.40
N GLN A 300 4.11 0.33 1.80
CA GLN A 300 4.44 -0.83 2.61
C GLN A 300 5.33 -0.38 3.75
N GLY A 301 5.26 -1.12 4.85
CA GLY A 301 6.13 -0.88 5.98
C GLY A 301 5.48 -0.44 7.26
N LEU A 302 4.21 -0.10 7.19
CA LEU A 302 3.43 0.31 8.38
C LEU A 302 2.91 -0.86 9.20
N ASN A 303 2.69 -0.57 10.50
CA ASN A 303 2.13 -1.61 11.36
C ASN A 303 0.72 -2.03 10.93
N SER A 304 -0.05 -1.08 10.37
CA SER A 304 -1.34 -1.35 9.79
C SER A 304 -1.39 -0.53 8.48
N PRO A 305 -2.10 -1.05 7.45
CA PRO A 305 -1.96 -0.41 6.17
C PRO A 305 -2.85 0.80 5.96
N VAL A 306 -2.25 1.82 5.38
CA VAL A 306 -2.98 2.95 4.85
CA VAL A 306 -2.92 3.00 4.92
C VAL A 306 -2.45 3.23 3.47
N ASN A 307 -3.34 3.66 2.60
CA ASN A 307 -2.92 3.97 1.21
C ASN A 307 -3.60 5.24 0.73
N ASP A 308 -2.93 5.84 -0.27
CA ASP A 308 -3.21 7.16 -0.72
C ASP A 308 -3.67 7.16 -2.19
N LEU A 309 -4.85 7.68 -2.40
CA LEU A 309 -5.44 7.88 -3.73
C LEU A 309 -4.89 9.14 -4.36
N SER A 310 -4.83 9.14 -5.70
CA SER A 310 -4.69 10.40 -6.46
C SER A 310 -5.95 11.27 -6.32
N ARG A 311 -5.79 12.58 -6.34
CA ARG A 311 -6.91 13.52 -6.42
CA ARG A 311 -6.93 13.48 -6.39
C ARG A 311 -7.73 13.24 -7.68
N GLY A 312 -7.07 12.73 -8.72
CA GLY A 312 -7.74 12.43 -9.98
C GLY A 312 -8.22 11.00 -10.14
N CYS A 313 -8.34 10.26 -9.03
CA CYS A 313 -8.73 8.84 -9.08
C CYS A 313 -10.13 8.66 -9.64
N SER A 314 -10.36 7.45 -10.08
CA SER A 314 -11.68 7.01 -10.44
C SER A 314 -12.31 6.25 -9.29
N ILE A 315 -13.60 6.01 -9.45
CA ILE A 315 -14.32 5.11 -8.56
C ILE A 315 -13.61 3.75 -8.46
N GLU A 316 -13.27 3.16 -9.60
CA GLU A 316 -12.60 1.88 -9.62
C GLU A 316 -11.30 1.91 -8.88
N ASP A 317 -10.54 2.98 -8.99
CA ASP A 317 -9.31 3.08 -8.24
C ASP A 317 -9.54 2.95 -6.69
N VAL A 318 -10.60 3.56 -6.21
CA VAL A 318 -10.91 3.49 -4.77
C VAL A 318 -11.24 2.06 -4.39
N TYR A 319 -12.07 1.41 -5.23
CA TYR A 319 -12.45 0.03 -5.02
C TYR A 319 -11.22 -0.90 -4.99
N ASN A 320 -10.36 -0.76 -6.00
CA ASN A 320 -9.21 -1.60 -6.11
C ASN A 320 -8.24 -1.38 -4.94
N LEU A 321 -8.00 -0.11 -4.61
CA LEU A 321 -7.05 0.20 -3.55
C LEU A 321 -7.57 -0.27 -2.21
N SER A 322 -8.89 -0.28 -2.04
CA SER A 322 -9.48 -0.83 -0.81
C SER A 322 -9.20 -2.32 -0.68
N PHE A 323 -9.35 -3.07 -1.76
CA PHE A 323 -8.99 -4.49 -1.75
C PHE A 323 -7.51 -4.72 -1.46
N ILE A 324 -6.65 -3.93 -2.11
CA ILE A 324 -5.21 -4.08 -1.89
C ILE A 324 -4.90 -3.84 -0.38
N THR A 325 -5.46 -2.78 0.16
CA THR A 325 -5.22 -2.42 1.54
C THR A 325 -5.72 -3.48 2.51
N ALA A 326 -6.91 -4.01 2.20
CA ALA A 326 -7.47 -5.09 2.99
C ALA A 326 -6.59 -6.33 2.97
N ALA A 327 -6.04 -6.71 1.80
CA ALA A 327 -5.12 -7.82 1.70
C ALA A 327 -3.87 -7.57 2.56
N GLN A 328 -3.40 -6.33 2.54
CA GLN A 328 -2.19 -5.97 3.33
C GLN A 328 -2.41 -6.16 4.81
N ALA A 329 -3.64 -5.94 5.25
CA ALA A 329 -4.00 -6.06 6.68
C ALA A 329 -3.94 -7.49 7.21
N LEU A 330 -3.97 -8.46 6.33
CA LEU A 330 -3.84 -9.82 6.79
C LEU A 330 -2.34 -10.09 7.12
C TRS B . -3.79 13.57 -2.33
C TRS B . -3.14 13.05 -2.50
C1 TRS B . -3.95 12.45 -3.35
C1 TRS B . -2.04 12.40 -3.30
C2 TRS B . -4.69 14.80 -2.21
C2 TRS B . -4.43 13.61 -3.02
C3 TRS B . -2.51 13.48 -1.55
C3 TRS B . -2.95 13.39 -1.04
N TRS B . -3.06 14.34 -3.40
N TRS B . -2.49 14.32 -2.93
O1 TRS B . -2.72 11.74 -3.40
O1 TRS B . -1.17 12.07 -2.23
O2 TRS B . -5.25 14.75 -0.90
O2 TRS B . -5.10 14.13 -1.85
O3 TRS B . -2.72 12.45 -0.57
O3 TRS B . -3.62 12.50 -0.15
C1 EDO C . 12.54 2.37 2.92
O1 EDO C . 12.28 1.06 3.41
C2 EDO C . 14.06 2.59 3.07
O2 EDO C . 14.30 2.93 4.48
C1 EDO D . -22.55 12.42 20.85
O1 EDO D . -23.85 12.30 21.46
C2 EDO D . -21.57 11.40 21.46
O2 EDO D . -20.36 12.07 21.89
C1 EDO E . -16.10 0.17 13.14
O1 EDO E . -17.15 -0.73 12.73
C2 EDO E . -16.32 0.68 14.56
O2 EDO E . -17.73 0.88 14.80
C1 EDO F . 7.11 11.71 -7.59
O1 EDO F . 8.10 12.27 -6.72
C2 EDO F . 7.07 10.25 -7.27
O2 EDO F . 6.33 10.06 -6.07
C1 EDO G . -10.51 -8.10 12.53
O1 EDO G . -10.14 -6.92 13.30
C2 EDO G . -11.22 -7.73 11.22
O2 EDO G . -12.02 -6.53 11.33
CL CL H . 17.37 -15.41 -0.94
CL CL I . 19.74 -2.63 -16.14
CL CL J . -5.50 6.55 -7.35
#